data_1H09
#
_entry.id   1H09
#
_cell.length_a   77.950
_cell.length_b   95.780
_cell.length_c   129.280
_cell.angle_alpha   90.00
_cell.angle_beta   90.00
_cell.angle_gamma   90.00
#
_symmetry.space_group_name_H-M   'C 2 2 21'
#
loop_
_entity.id
_entity.type
_entity.pdbx_description
1 polymer LYSOZYME
2 water water
#
_entity_poly.entity_id   1
_entity_poly.type   'polypeptide(L)'
_entity_poly.pdbx_seq_one_letter_code
;VKKNDLFVDVSSHNGYDITGILEQMGTTNTIIKISESTTYLNPCLSAQVEQSNPIGFYHFARFGGDVAEAEREAQFFLDN
VPMQVKYLVLDYEDDPSGDAQANTNACLRFMQMIADAGYKPIYYSYKPFTHDNVDYQQILAQFPNSLWIAGYGLNDGTAN
FEYFPSMDGIRWWQYSSNPFDKNIVLLDDEEDDKPKTAGTWKQDSKGWWFRRNNGSFPYNKWEKIGGVWYYFDSKGYCLT
SEWLKDNEKWYYLKDNGAMATGWVLVGSEWYYMDDSGAMVTGWVKYKNNWYYMTNERGNMVSNEFIKSGKGWYFMNTNGE
LADNPSFTKEPDGLITVA
;
_entity_poly.pdbx_strand_id   A
#
# COMPACT_ATOMS: atom_id res chain seq x y z
N VAL A 1 4.58 -2.23 -5.21
CA VAL A 1 3.12 -2.31 -4.88
C VAL A 1 2.54 -0.91 -4.71
N LYS A 2 1.22 -0.83 -4.83
CA LYS A 2 0.52 0.43 -4.72
C LYS A 2 -0.51 0.37 -3.60
N LYS A 3 -1.03 1.55 -3.23
CA LYS A 3 -2.04 1.66 -2.19
C LYS A 3 -3.12 0.61 -2.40
N ASN A 4 -3.51 -0.05 -1.31
CA ASN A 4 -4.54 -1.07 -1.31
C ASN A 4 -4.20 -2.41 -1.93
N ASP A 5 -2.95 -2.57 -2.38
CA ASP A 5 -2.52 -3.85 -2.92
C ASP A 5 -2.43 -4.77 -1.70
N LEU A 6 -2.47 -6.08 -1.93
CA LEU A 6 -2.38 -7.03 -0.83
C LEU A 6 -1.11 -7.85 -0.92
N PHE A 7 -0.68 -8.41 0.20
CA PHE A 7 0.48 -9.29 0.21
C PHE A 7 0.43 -10.20 1.41
N VAL A 8 1.06 -11.36 1.28
CA VAL A 8 1.10 -12.34 2.34
C VAL A 8 2.54 -12.47 2.84
N ASP A 9 2.71 -12.71 4.14
CA ASP A 9 4.06 -12.92 4.65
C ASP A 9 4.08 -14.32 5.22
N VAL A 10 5.19 -15.03 5.01
CA VAL A 10 5.31 -16.41 5.45
C VAL A 10 6.67 -16.76 6.08
N SER A 11 6.71 -17.92 6.75
CA SER A 11 7.90 -18.43 7.40
C SER A 11 7.82 -19.96 7.30
N SER A 12 8.64 -20.66 8.06
CA SER A 12 8.60 -22.12 8.02
C SER A 12 7.23 -22.61 8.52
N HIS A 13 6.53 -21.76 9.24
CA HIS A 13 5.22 -22.13 9.78
C HIS A 13 4.22 -22.38 8.65
N ASN A 14 4.48 -21.82 7.48
CA ASN A 14 3.60 -21.98 6.33
C ASN A 14 4.00 -23.14 5.40
N GLY A 15 5.14 -23.77 5.70
CA GLY A 15 5.56 -24.92 4.91
C GLY A 15 6.18 -24.71 3.54
N TYR A 16 6.52 -25.82 2.91
CA TYR A 16 7.14 -25.79 1.59
C TYR A 16 6.17 -25.57 0.44
N ASP A 17 4.88 -25.46 0.75
CA ASP A 17 3.89 -25.21 -0.30
C ASP A 17 2.91 -24.14 0.14
N ILE A 18 3.02 -22.98 -0.48
CA ILE A 18 2.15 -21.86 -0.13
C ILE A 18 1.27 -21.45 -1.30
N THR A 19 1.18 -22.31 -2.31
CA THR A 19 0.37 -22.00 -3.47
C THR A 19 -1.09 -21.84 -3.04
N GLY A 20 -1.50 -22.65 -2.08
CA GLY A 20 -2.86 -22.60 -1.58
C GLY A 20 -3.26 -21.26 -0.99
N ILE A 21 -2.48 -20.74 -0.04
CA ILE A 21 -2.83 -19.47 0.57
C ILE A 21 -2.71 -18.28 -0.36
N LEU A 22 -1.86 -18.39 -1.39
CA LEU A 22 -1.71 -17.30 -2.33
C LEU A 22 -2.97 -17.26 -3.21
N GLU A 23 -3.53 -18.43 -3.49
CA GLU A 23 -4.75 -18.51 -4.29
C GLU A 23 -5.90 -17.91 -3.49
N GLN A 24 -5.99 -18.29 -2.22
CA GLN A 24 -7.04 -17.79 -1.34
C GLN A 24 -6.96 -16.27 -1.26
N MET A 25 -5.77 -15.77 -0.95
CA MET A 25 -5.54 -14.34 -0.83
C MET A 25 -5.81 -13.62 -2.14
N GLY A 26 -5.45 -14.25 -3.25
CA GLY A 26 -5.67 -13.63 -4.54
C GLY A 26 -4.50 -12.81 -5.04
N THR A 27 -3.31 -13.11 -4.55
CA THR A 27 -2.10 -12.39 -4.97
C THR A 27 -0.88 -13.29 -4.77
N THR A 28 0.20 -13.00 -5.49
CA THR A 28 1.43 -13.77 -5.35
C THR A 28 2.48 -12.93 -4.60
N ASN A 29 2.11 -11.69 -4.24
CA ASN A 29 3.02 -10.81 -3.51
C ASN A 29 3.32 -11.41 -2.14
N THR A 30 4.60 -11.46 -1.79
CA THR A 30 4.98 -12.02 -0.50
C THR A 30 6.18 -11.33 0.12
N ILE A 31 6.31 -11.51 1.43
CA ILE A 31 7.46 -11.03 2.18
C ILE A 31 7.77 -12.31 2.93
N ILE A 32 8.92 -12.90 2.61
CA ILE A 32 9.32 -14.17 3.19
C ILE A 32 10.39 -14.07 4.27
N LYS A 33 10.23 -14.87 5.32
CA LYS A 33 11.21 -14.86 6.40
C LYS A 33 12.47 -15.57 5.92
N ILE A 34 13.62 -14.95 6.15
CA ILE A 34 14.89 -15.54 5.77
C ILE A 34 15.63 -16.05 7.00
N SER A 35 15.78 -15.18 7.99
CA SER A 35 16.56 -15.50 9.17
C SER A 35 16.08 -15.02 10.53
N GLU A 36 16.75 -15.55 11.55
CA GLU A 36 16.46 -15.22 12.94
C GLU A 36 17.80 -15.28 13.67
N SER A 37 18.04 -14.33 14.58
CA SER A 37 19.29 -14.26 15.33
C SER A 37 20.44 -14.27 14.32
N THR A 38 21.52 -14.97 14.62
CA THR A 38 22.66 -15.03 13.70
C THR A 38 22.93 -16.47 13.26
N THR A 39 22.03 -17.39 13.64
CA THR A 39 22.22 -18.80 13.33
C THR A 39 21.05 -19.57 12.69
N TYR A 40 19.88 -18.94 12.58
CA TYR A 40 18.72 -19.62 12.00
C TYR A 40 18.32 -19.17 10.60
N LEU A 41 17.98 -20.15 9.76
CA LEU A 41 17.53 -19.87 8.40
C LEU A 41 16.24 -20.64 8.13
N ASN A 42 15.24 -19.94 7.60
CA ASN A 42 13.95 -20.55 7.27
C ASN A 42 14.22 -21.53 6.12
N PRO A 43 14.06 -22.84 6.37
CA PRO A 43 14.31 -23.86 5.33
C PRO A 43 13.36 -23.81 4.12
N CYS A 44 12.20 -23.18 4.30
CA CYS A 44 11.21 -23.10 3.22
C CYS A 44 11.45 -21.92 2.29
N LEU A 45 12.51 -21.16 2.53
CA LEU A 45 12.80 -19.97 1.73
C LEU A 45 12.82 -20.15 0.22
N SER A 46 13.66 -21.05 -0.28
CA SER A 46 13.76 -21.25 -1.73
C SER A 46 12.43 -21.66 -2.35
N ALA A 47 11.70 -22.56 -1.71
CA ALA A 47 10.42 -23.01 -2.25
C ALA A 47 9.41 -21.87 -2.23
N GLN A 48 9.32 -21.16 -1.11
CA GLN A 48 8.38 -20.05 -1.01
C GLN A 48 8.70 -18.95 -2.02
N VAL A 49 9.99 -18.76 -2.31
CA VAL A 49 10.38 -17.75 -3.29
C VAL A 49 9.94 -18.21 -4.69
N GLU A 50 10.28 -19.45 -5.02
CA GLU A 50 9.94 -20.05 -6.30
C GLU A 50 8.43 -19.96 -6.58
N GLN A 51 7.63 -20.17 -5.55
CA GLN A 51 6.17 -20.15 -5.66
C GLN A 51 5.48 -18.79 -5.60
N SER A 52 6.24 -17.71 -5.55
CA SER A 52 5.62 -16.40 -5.44
C SER A 52 6.39 -15.27 -6.11
N ASN A 53 5.97 -14.05 -5.79
CA ASN A 53 6.59 -12.85 -6.29
C ASN A 53 6.95 -12.04 -5.05
N PRO A 54 8.12 -12.31 -4.46
CA PRO A 54 8.50 -11.56 -3.26
C PRO A 54 8.74 -10.07 -3.48
N ILE A 55 8.20 -9.27 -2.56
CA ILE A 55 8.39 -7.83 -2.62
C ILE A 55 9.36 -7.45 -1.50
N GLY A 56 9.70 -8.43 -0.68
CA GLY A 56 10.65 -8.19 0.40
C GLY A 56 10.90 -9.44 1.23
N PHE A 57 11.86 -9.35 2.15
CA PHE A 57 12.17 -10.47 3.03
C PHE A 57 12.26 -9.90 4.44
N TYR A 58 12.01 -10.71 5.46
CA TYR A 58 12.11 -10.21 6.82
C TYR A 58 13.00 -11.04 7.72
N HIS A 59 13.48 -10.41 8.78
CA HIS A 59 14.37 -11.02 9.76
C HIS A 59 13.74 -10.89 11.14
N PHE A 60 13.73 -11.99 11.92
CA PHE A 60 13.19 -11.95 13.27
C PHE A 60 14.31 -11.57 14.23
N ALA A 61 14.27 -10.34 14.74
CA ALA A 61 15.31 -9.85 15.63
C ALA A 61 15.37 -10.48 17.03
N ARG A 62 16.59 -10.68 17.52
CA ARG A 62 16.82 -11.24 18.85
C ARG A 62 17.92 -10.44 19.55
N PHE A 63 18.26 -9.29 18.99
CA PHE A 63 19.33 -8.45 19.55
C PHE A 63 18.96 -7.53 20.71
N GLY A 64 17.67 -7.42 21.02
CA GLY A 64 17.23 -6.57 22.12
C GLY A 64 17.65 -5.12 21.95
N GLY A 65 18.56 -4.65 22.80
CA GLY A 65 19.04 -3.28 22.72
C GLY A 65 20.53 -3.24 22.54
N ASP A 66 21.09 -4.35 22.03
CA ASP A 66 22.52 -4.48 21.81
C ASP A 66 22.85 -4.15 20.36
N VAL A 67 23.36 -2.96 20.11
CA VAL A 67 23.70 -2.51 18.76
C VAL A 67 24.69 -3.43 18.05
N ALA A 68 25.68 -3.94 18.78
CA ALA A 68 26.68 -4.82 18.19
C ALA A 68 26.04 -6.10 17.70
N GLU A 69 25.10 -6.62 18.48
CA GLU A 69 24.39 -7.85 18.14
C GLU A 69 23.48 -7.55 16.94
N ALA A 70 22.92 -6.35 16.91
CA ALA A 70 22.04 -5.94 15.82
C ALA A 70 22.79 -5.95 14.50
N GLU A 71 24.02 -5.44 14.53
CA GLU A 71 24.85 -5.39 13.34
C GLU A 71 25.15 -6.78 12.81
N ARG A 72 25.46 -7.72 13.71
CA ARG A 72 25.77 -9.07 13.27
C ARG A 72 24.53 -9.75 12.69
N GLU A 73 23.38 -9.49 13.29
CA GLU A 73 22.13 -10.07 12.78
C GLU A 73 21.78 -9.52 11.41
N ALA A 74 21.99 -8.22 11.21
CA ALA A 74 21.70 -7.59 9.94
C ALA A 74 22.58 -8.13 8.83
N GLN A 75 23.84 -8.39 9.15
CA GLN A 75 24.78 -8.91 8.14
C GLN A 75 24.44 -10.35 7.77
N PHE A 76 24.06 -11.14 8.76
CA PHE A 76 23.68 -12.53 8.53
C PHE A 76 22.45 -12.52 7.61
N PHE A 77 21.51 -11.64 7.92
CA PHE A 77 20.28 -11.47 7.15
C PHE A 77 20.67 -11.12 5.71
N LEU A 78 21.43 -10.03 5.55
CA LEU A 78 21.88 -9.56 4.25
C LEU A 78 22.60 -10.64 3.44
N ASP A 79 23.53 -11.35 4.07
CA ASP A 79 24.29 -12.38 3.41
C ASP A 79 23.41 -13.51 2.87
N ASN A 80 22.16 -13.57 3.33
CA ASN A 80 21.25 -14.62 2.87
C ASN A 80 20.04 -14.18 2.05
N VAL A 81 20.06 -12.93 1.59
CA VAL A 81 18.99 -12.43 0.73
C VAL A 81 19.27 -13.15 -0.60
N PRO A 82 18.29 -13.91 -1.11
CA PRO A 82 18.37 -14.70 -2.35
C PRO A 82 18.13 -14.00 -3.67
N MET A 83 17.61 -12.78 -3.63
CA MET A 83 17.33 -12.05 -4.87
C MET A 83 17.05 -10.61 -4.51
N GLN A 84 17.22 -9.73 -5.49
CA GLN A 84 16.98 -8.32 -5.26
C GLN A 84 15.49 -8.06 -5.08
N VAL A 85 15.17 -7.29 -4.05
CA VAL A 85 13.80 -6.89 -3.73
C VAL A 85 13.95 -5.47 -3.23
N LYS A 86 12.88 -4.69 -3.25
CA LYS A 86 12.96 -3.30 -2.79
C LYS A 86 13.10 -3.19 -1.27
N TYR A 87 12.44 -4.08 -0.54
CA TYR A 87 12.43 -4.02 0.92
C TYR A 87 13.02 -5.19 1.70
N LEU A 88 13.60 -4.85 2.85
CA LEU A 88 14.15 -5.82 3.80
C LEU A 88 13.54 -5.37 5.11
N VAL A 89 12.87 -6.30 5.78
CA VAL A 89 12.15 -6.00 7.03
C VAL A 89 12.79 -6.46 8.32
N LEU A 90 12.76 -5.56 9.30
CA LEU A 90 13.24 -5.81 10.64
C LEU A 90 11.99 -6.13 11.48
N ASP A 91 11.87 -7.39 11.88
CA ASP A 91 10.72 -7.83 12.68
C ASP A 91 11.16 -7.77 14.14
N TYR A 92 10.84 -6.65 14.80
CA TYR A 92 11.21 -6.44 16.20
C TYR A 92 9.98 -6.54 17.10
N GLU A 93 9.81 -7.72 17.72
CA GLU A 93 8.65 -7.95 18.57
C GLU A 93 8.91 -8.84 19.79
N ASP A 94 10.18 -9.12 20.08
CA ASP A 94 10.47 -9.97 21.22
C ASP A 94 11.84 -9.62 21.80
N ASP A 95 12.07 -10.11 23.02
CA ASP A 95 13.33 -9.89 23.72
C ASP A 95 13.80 -8.45 23.79
N PRO A 96 12.92 -7.51 24.12
CA PRO A 96 13.38 -6.12 24.19
C PRO A 96 14.16 -5.92 25.49
N SER A 97 15.15 -5.02 25.48
CA SER A 97 15.90 -4.76 26.70
C SER A 97 15.04 -3.81 27.52
N GLY A 98 15.42 -3.58 28.77
CA GLY A 98 14.66 -2.69 29.61
C GLY A 98 14.81 -1.23 29.24
N ASP A 99 15.81 -0.91 28.44
CA ASP A 99 16.08 0.45 28.00
C ASP A 99 15.56 0.72 26.59
N ALA A 100 14.49 1.52 26.49
CA ALA A 100 13.87 1.84 25.21
C ALA A 100 14.76 2.57 24.21
N GLN A 101 15.70 3.37 24.71
CA GLN A 101 16.58 4.11 23.81
C GLN A 101 17.59 3.17 23.17
N ALA A 102 18.09 2.23 23.96
CA ALA A 102 19.04 1.24 23.48
C ALA A 102 18.34 0.40 22.43
N ASN A 103 17.08 0.05 22.69
CA ASN A 103 16.31 -0.74 21.75
C ASN A 103 16.19 0.04 20.44
N THR A 104 15.87 1.32 20.56
CA THR A 104 15.73 2.20 19.40
C THR A 104 17.03 2.30 18.61
N ASN A 105 18.15 2.51 19.32
CA ASN A 105 19.45 2.61 18.67
C ASN A 105 19.83 1.33 17.94
N ALA A 106 19.48 0.19 18.52
CA ALA A 106 19.81 -1.09 17.90
C ALA A 106 19.00 -1.24 16.61
N CYS A 107 17.70 -0.95 16.69
CA CYS A 107 16.82 -1.03 15.52
C CYS A 107 17.32 -0.09 14.43
N LEU A 108 17.72 1.12 14.83
CA LEU A 108 18.20 2.10 13.85
C LEU A 108 19.46 1.63 13.15
N ARG A 109 20.35 0.99 13.90
CA ARG A 109 21.58 0.50 13.31
C ARG A 109 21.25 -0.61 12.31
N PHE A 110 20.34 -1.48 12.70
CA PHE A 110 19.93 -2.58 11.83
C PHE A 110 19.39 -2.01 10.51
N MET A 111 18.46 -1.08 10.62
CA MET A 111 17.85 -0.46 9.43
C MET A 111 18.85 0.34 8.61
N GLN A 112 19.80 1.00 9.28
CA GLN A 112 20.79 1.78 8.58
C GLN A 112 21.62 0.88 7.69
N MET A 113 21.96 -0.30 8.20
CA MET A 113 22.75 -1.26 7.42
C MET A 113 21.97 -1.78 6.22
N ILE A 114 20.65 -1.94 6.38
CA ILE A 114 19.80 -2.38 5.28
C ILE A 114 19.82 -1.31 4.17
N ALA A 115 19.68 -0.04 4.58
CA ALA A 115 19.69 1.06 3.62
C ALA A 115 21.05 1.15 2.92
N ASP A 116 22.12 0.96 3.69
CA ASP A 116 23.48 1.03 3.14
C ASP A 116 23.74 -0.04 2.09
N ALA A 117 23.06 -1.18 2.24
CA ALA A 117 23.22 -2.29 1.30
C ALA A 117 22.39 -2.09 0.03
N GLY A 118 21.66 -0.98 -0.03
CA GLY A 118 20.85 -0.71 -1.20
C GLY A 118 19.40 -1.18 -1.18
N TYR A 119 18.81 -1.29 0.01
CA TYR A 119 17.41 -1.70 0.11
C TYR A 119 16.66 -0.68 0.94
N LYS A 120 15.34 -0.74 0.90
CA LYS A 120 14.50 0.15 1.69
C LYS A 120 14.19 -0.59 2.99
N PRO A 121 14.57 -0.02 4.15
CA PRO A 121 14.29 -0.71 5.43
C PRO A 121 12.85 -0.53 5.91
N ILE A 122 12.37 -1.53 6.66
CA ILE A 122 11.02 -1.52 7.21
C ILE A 122 11.09 -2.03 8.65
N TYR A 123 10.36 -1.35 9.54
CA TYR A 123 10.27 -1.73 10.95
C TYR A 123 8.90 -2.38 11.11
N TYR A 124 8.89 -3.66 11.49
CA TYR A 124 7.64 -4.41 11.67
C TYR A 124 7.43 -4.72 13.13
N SER A 125 6.20 -4.55 13.61
CA SER A 125 5.88 -4.85 15.00
C SER A 125 4.42 -4.56 15.31
N TYR A 126 4.10 -4.60 16.60
CA TYR A 126 2.75 -4.32 17.07
C TYR A 126 2.81 -2.99 17.78
N LYS A 127 1.67 -2.29 17.83
CA LYS A 127 1.64 -0.98 18.46
C LYS A 127 2.00 -0.98 19.95
N PRO A 128 1.28 -1.75 20.77
CA PRO A 128 1.66 -1.74 22.19
C PRO A 128 3.11 -2.14 22.46
N PHE A 129 3.64 -3.12 21.73
CA PHE A 129 5.03 -3.52 21.93
C PHE A 129 5.93 -2.35 21.57
N THR A 130 5.62 -1.70 20.45
CA THR A 130 6.41 -0.58 20.00
C THR A 130 6.31 0.57 20.98
N HIS A 131 5.10 0.81 21.48
CA HIS A 131 4.87 1.88 22.44
C HIS A 131 5.73 1.67 23.70
N ASP A 132 5.78 0.44 24.18
CA ASP A 132 6.53 0.15 25.39
C ASP A 132 8.04 -0.05 25.26
N ASN A 133 8.53 -0.38 24.07
CA ASN A 133 9.94 -0.66 23.94
C ASN A 133 10.85 0.21 23.08
N VAL A 134 10.28 1.00 22.18
CA VAL A 134 11.10 1.89 21.36
C VAL A 134 10.44 3.25 21.22
N ASP A 135 11.16 4.18 20.59
CA ASP A 135 10.66 5.51 20.32
C ASP A 135 10.53 5.50 18.80
N TYR A 136 9.39 5.03 18.32
CA TYR A 136 9.18 4.92 16.89
C TYR A 136 9.34 6.24 16.13
N GLN A 137 9.06 7.37 16.78
CA GLN A 137 9.22 8.66 16.11
C GLN A 137 10.69 8.87 15.71
N GLN A 138 11.62 8.34 16.50
CA GLN A 138 13.04 8.47 16.18
C GLN A 138 13.38 7.61 14.96
N ILE A 139 12.59 6.57 14.73
CA ILE A 139 12.81 5.71 13.58
C ILE A 139 12.28 6.39 12.32
N LEU A 140 11.08 6.98 12.42
CA LEU A 140 10.47 7.68 11.30
C LEU A 140 11.31 8.89 10.92
N ALA A 141 11.96 9.50 11.90
CA ALA A 141 12.78 10.68 11.65
C ALA A 141 13.91 10.37 10.69
N GLN A 142 14.43 9.15 10.76
CA GLN A 142 15.51 8.73 9.89
C GLN A 142 14.98 7.94 8.69
N PHE A 143 13.88 7.23 8.90
CA PHE A 143 13.28 6.44 7.84
C PHE A 143 11.77 6.72 7.81
N PRO A 144 11.38 7.75 7.05
CA PRO A 144 9.98 8.17 6.91
C PRO A 144 9.11 7.04 6.37
N ASN A 145 7.85 7.01 6.79
CA ASN A 145 6.90 6.01 6.31
C ASN A 145 7.51 4.62 6.14
N SER A 146 8.15 4.11 7.19
CA SER A 146 8.79 2.81 7.10
C SER A 146 8.18 1.75 8.02
N LEU A 147 6.99 2.02 8.54
CA LEU A 147 6.36 1.08 9.45
C LEU A 147 5.42 0.06 8.83
N TRP A 148 5.46 -1.15 9.37
CA TRP A 148 4.59 -2.23 8.94
C TRP A 148 4.04 -2.76 10.27
N ILE A 149 2.84 -2.30 10.63
CA ILE A 149 2.23 -2.68 11.90
C ILE A 149 1.09 -3.68 11.85
N ALA A 150 1.12 -4.61 12.80
CA ALA A 150 0.08 -5.63 12.89
C ALA A 150 -0.94 -5.22 13.95
N GLY A 151 -2.21 -5.39 13.62
CA GLY A 151 -3.32 -5.07 14.51
C GLY A 151 -4.53 -5.76 13.90
N TYR A 152 -4.95 -6.87 14.49
CA TYR A 152 -6.06 -7.67 13.97
C TYR A 152 -7.46 -7.43 14.51
N GLY A 153 -7.57 -6.81 15.68
CA GLY A 153 -8.88 -6.60 16.26
C GLY A 153 -9.50 -7.95 16.58
N LEU A 154 -10.59 -8.30 15.91
CA LEU A 154 -11.27 -9.58 16.12
C LEU A 154 -10.51 -10.72 15.43
N ASN A 155 -9.62 -10.34 14.52
CA ASN A 155 -8.81 -11.29 13.75
C ASN A 155 -9.68 -12.34 13.09
N ASP A 156 -10.73 -11.89 12.40
CA ASP A 156 -11.64 -12.78 11.70
C ASP A 156 -11.20 -13.08 10.28
N GLY A 157 -10.04 -12.57 9.88
CA GLY A 157 -9.55 -12.82 8.54
C GLY A 157 -9.82 -11.73 7.52
N THR A 158 -10.53 -10.67 7.93
CA THR A 158 -10.83 -9.57 7.02
C THR A 158 -10.26 -8.26 7.56
N ALA A 159 -10.14 -7.26 6.70
CA ALA A 159 -9.62 -5.96 7.10
C ALA A 159 -10.74 -5.07 7.66
N ASN A 160 -10.70 -4.81 8.96
CA ASN A 160 -11.70 -3.98 9.62
C ASN A 160 -11.07 -2.68 10.10
N PHE A 161 -11.24 -1.63 9.31
CA PHE A 161 -10.65 -0.33 9.60
C PHE A 161 -10.87 0.15 11.03
N GLU A 162 -11.96 -0.27 11.66
CA GLU A 162 -12.26 0.13 13.03
C GLU A 162 -11.07 -0.12 13.96
N TYR A 163 -10.30 -1.18 13.68
CA TYR A 163 -9.15 -1.50 14.52
C TYR A 163 -7.82 -1.19 13.86
N PHE A 164 -7.81 -0.19 12.99
CA PHE A 164 -6.57 0.16 12.31
C PHE A 164 -5.58 0.75 13.32
N PRO A 165 -4.35 0.21 13.37
CA PRO A 165 -3.34 0.72 14.31
C PRO A 165 -3.11 2.21 14.08
N SER A 166 -3.33 3.02 15.10
CA SER A 166 -3.13 4.45 14.94
C SER A 166 -1.70 4.86 15.28
N MET A 167 -0.92 5.13 14.23
CA MET A 167 0.48 5.54 14.38
C MET A 167 0.88 6.26 13.09
N ASP A 168 1.87 7.14 13.18
CA ASP A 168 2.32 7.84 12.00
C ASP A 168 3.21 6.90 11.20
N GLY A 169 3.52 7.31 9.97
CA GLY A 169 4.39 6.56 9.10
C GLY A 169 4.13 5.10 8.82
N ILE A 170 2.87 4.67 8.81
CA ILE A 170 2.58 3.27 8.52
C ILE A 170 2.50 3.04 7.02
N ARG A 171 3.39 2.19 6.50
CA ARG A 171 3.40 1.88 5.07
C ARG A 171 2.49 0.70 4.77
N TRP A 172 2.57 -0.35 5.59
CA TRP A 172 1.75 -1.54 5.40
C TRP A 172 1.04 -1.93 6.71
N TRP A 173 -0.12 -2.55 6.58
CA TRP A 173 -0.88 -2.99 7.74
C TRP A 173 -1.20 -4.49 7.69
N GLN A 174 -0.69 -5.22 8.67
CA GLN A 174 -0.97 -6.65 8.74
C GLN A 174 -2.28 -6.67 9.52
N TYR A 175 -3.38 -6.80 8.78
CA TYR A 175 -4.73 -6.77 9.36
C TYR A 175 -5.32 -8.08 9.91
N SER A 176 -4.63 -9.20 9.68
CA SER A 176 -5.10 -10.47 10.21
C SER A 176 -4.05 -11.57 10.08
N SER A 177 -4.22 -12.63 10.87
CA SER A 177 -3.32 -13.78 10.83
C SER A 177 -4.19 -15.02 10.67
N ASN A 178 -5.47 -14.80 10.40
CA ASN A 178 -6.43 -15.90 10.26
C ASN A 178 -6.89 -16.07 8.82
N PRO A 179 -6.51 -17.20 8.17
CA PRO A 179 -5.70 -18.34 8.63
C PRO A 179 -4.19 -18.14 8.45
N PHE A 180 -3.82 -17.13 7.66
CA PHE A 180 -2.41 -16.82 7.41
C PHE A 180 -2.25 -15.30 7.47
N ASP A 181 -1.01 -14.82 7.59
CA ASP A 181 -0.74 -13.39 7.66
C ASP A 181 -1.18 -12.66 6.40
N LYS A 182 -2.11 -11.72 6.58
CA LYS A 182 -2.65 -10.94 5.47
C LYS A 182 -2.29 -9.46 5.66
N ASN A 183 -1.84 -8.82 4.60
CA ASN A 183 -1.44 -7.41 4.68
C ASN A 183 -2.02 -6.56 3.56
N ILE A 184 -2.25 -5.29 3.86
CA ILE A 184 -2.75 -4.36 2.86
C ILE A 184 -1.81 -3.16 2.84
N VAL A 185 -1.52 -2.69 1.63
CA VAL A 185 -0.61 -1.57 1.43
C VAL A 185 -1.32 -0.22 1.59
N LEU A 186 -0.71 0.68 2.36
CA LEU A 186 -1.28 2.00 2.58
C LEU A 186 -0.65 3.10 1.75
N LEU A 187 0.59 2.89 1.30
CA LEU A 187 1.29 3.88 0.50
C LEU A 187 1.96 3.24 -0.71
N ASP A 188 2.00 3.98 -1.82
CA ASP A 188 2.66 3.50 -3.03
C ASP A 188 4.17 3.44 -2.73
N ASP A 189 4.89 2.54 -3.37
CA ASP A 189 6.32 2.46 -3.18
C ASP A 189 6.88 3.80 -3.63
N GLU A 190 7.97 4.24 -3.00
CA GLU A 190 8.60 5.49 -3.37
C GLU A 190 9.33 5.31 -4.69
N GLU A 191 9.45 6.39 -5.45
CA GLU A 191 10.13 6.36 -6.73
C GLU A 191 11.09 7.53 -6.82
N ASP A 192 11.06 8.39 -5.82
CA ASP A 192 11.91 9.58 -5.76
C ASP A 192 13.22 9.47 -6.55
N ASP A 193 13.25 10.14 -7.70
CA ASP A 193 14.42 10.16 -8.57
C ASP A 193 14.46 11.49 -9.31
N LYS A 194 14.79 11.43 -10.58
CA LYS A 194 14.82 12.62 -11.42
C LYS A 194 14.06 12.34 -12.71
N PRO A 195 12.79 12.77 -12.77
CA PRO A 195 11.95 12.56 -13.94
C PRO A 195 12.72 12.80 -15.24
N LYS A 196 12.68 11.80 -16.12
CA LYS A 196 13.37 11.86 -17.41
C LYS A 196 13.07 13.12 -18.21
N THR A 197 11.78 13.46 -18.31
CA THR A 197 11.36 14.63 -19.07
C THR A 197 11.73 14.43 -20.54
N ALA A 198 10.78 13.93 -21.33
CA ALA A 198 11.02 13.68 -22.74
C ALA A 198 10.43 14.77 -23.62
N GLY A 199 10.37 15.98 -23.09
CA GLY A 199 9.80 17.09 -23.83
C GLY A 199 9.50 18.24 -22.89
N THR A 200 8.70 19.19 -23.33
CA THR A 200 8.35 20.34 -22.50
C THR A 200 6.88 20.73 -22.60
N TRP A 201 6.26 20.97 -21.45
CA TRP A 201 4.86 21.35 -21.42
C TRP A 201 4.68 22.77 -21.93
N LYS A 202 3.62 22.98 -22.71
CA LYS A 202 3.32 24.29 -23.26
C LYS A 202 1.86 24.62 -22.97
N GLN A 203 1.63 25.76 -22.31
CA GLN A 203 0.29 26.20 -21.97
C GLN A 203 -0.15 27.39 -22.80
N ASP A 204 -1.43 27.42 -23.16
CA ASP A 204 -1.99 28.52 -23.92
C ASP A 204 -3.49 28.58 -23.71
N SER A 205 -4.12 29.61 -24.27
CA SER A 205 -5.56 29.84 -24.15
C SER A 205 -6.39 28.55 -24.12
N LYS A 206 -6.15 27.67 -25.07
CA LYS A 206 -6.87 26.42 -25.17
C LYS A 206 -6.50 25.33 -24.16
N GLY A 207 -5.35 25.48 -23.51
CA GLY A 207 -4.95 24.48 -22.53
C GLY A 207 -3.50 24.07 -22.62
N TRP A 208 -3.18 22.86 -22.16
CA TRP A 208 -1.82 22.36 -22.18
C TRP A 208 -1.57 21.26 -23.21
N TRP A 209 -0.49 21.40 -23.97
CA TRP A 209 -0.09 20.39 -24.93
C TRP A 209 1.36 20.06 -24.57
N PHE A 210 1.87 18.94 -25.08
CA PHE A 210 3.24 18.53 -24.75
C PHE A 210 4.11 18.41 -25.99
N ARG A 211 5.16 19.24 -26.06
CA ARG A 211 6.07 19.20 -27.20
C ARG A 211 7.17 18.19 -26.89
N ARG A 212 7.15 17.05 -27.56
CA ARG A 212 8.17 16.03 -27.33
C ARG A 212 9.53 16.58 -27.80
N ASN A 213 10.61 15.93 -27.37
CA ASN A 213 11.95 16.38 -27.76
C ASN A 213 12.12 16.56 -29.27
N ASN A 214 11.53 15.66 -30.06
CA ASN A 214 11.65 15.74 -31.51
C ASN A 214 10.68 16.73 -32.17
N GLY A 215 10.00 17.54 -31.36
CA GLY A 215 9.09 18.53 -31.93
C GLY A 215 7.64 18.12 -32.08
N SER A 216 7.38 16.81 -32.10
CA SER A 216 6.01 16.32 -32.22
C SER A 216 5.28 16.46 -30.90
N PHE A 217 4.06 15.94 -30.85
CA PHE A 217 3.24 16.04 -29.65
C PHE A 217 2.16 14.97 -29.65
N PRO A 218 1.81 14.44 -28.47
CA PRO A 218 0.77 13.41 -28.40
C PRO A 218 -0.63 13.98 -28.66
N TYR A 219 -1.45 13.19 -29.35
CA TYR A 219 -2.83 13.58 -29.64
C TYR A 219 -3.62 12.29 -29.86
N ASN A 220 -4.91 12.31 -29.51
CA ASN A 220 -5.77 11.14 -29.64
C ASN A 220 -5.09 9.93 -29.02
N LYS A 221 -4.55 10.09 -27.83
CA LYS A 221 -3.86 8.98 -27.19
C LYS A 221 -3.49 9.24 -25.74
N TRP A 222 -3.19 8.15 -25.04
CA TRP A 222 -2.74 8.21 -23.65
C TRP A 222 -1.23 8.31 -23.79
N GLU A 223 -0.58 8.90 -22.80
CA GLU A 223 0.87 9.00 -22.83
C GLU A 223 1.41 9.37 -21.45
N LYS A 224 2.32 8.56 -20.95
CA LYS A 224 2.92 8.80 -19.64
C LYS A 224 4.05 9.81 -19.76
N ILE A 225 3.93 10.88 -18.98
CA ILE A 225 4.90 11.96 -18.98
C ILE A 225 5.28 12.24 -17.53
N GLY A 226 6.56 12.07 -17.20
CA GLY A 226 7.00 12.31 -15.85
C GLY A 226 6.39 11.32 -14.87
N GLY A 227 6.03 10.14 -15.37
CA GLY A 227 5.45 9.12 -14.51
C GLY A 227 3.95 9.22 -14.33
N VAL A 228 3.33 10.21 -14.97
CA VAL A 228 1.90 10.40 -14.87
C VAL A 228 1.22 10.20 -16.22
N TRP A 229 0.03 9.61 -16.19
CA TRP A 229 -0.72 9.38 -17.43
C TRP A 229 -1.65 10.54 -17.74
N TYR A 230 -1.74 10.86 -19.03
CA TYR A 230 -2.61 11.92 -19.52
C TYR A 230 -3.25 11.46 -20.81
N TYR A 231 -4.40 12.02 -21.15
CA TYR A 231 -5.03 11.69 -22.42
C TYR A 231 -5.12 12.99 -23.21
N PHE A 232 -4.58 12.98 -24.41
CA PHE A 232 -4.59 14.18 -25.25
C PHE A 232 -5.64 14.08 -26.33
N ASP A 233 -6.39 15.15 -26.54
CA ASP A 233 -7.43 15.14 -27.56
C ASP A 233 -6.83 15.21 -28.96
N SER A 234 -7.70 15.22 -29.96
CA SER A 234 -7.27 15.26 -31.35
C SER A 234 -6.43 16.47 -31.72
N LYS A 235 -6.44 17.50 -30.87
CA LYS A 235 -5.66 18.70 -31.13
C LYS A 235 -4.37 18.73 -30.30
N GLY A 236 -4.18 17.74 -29.45
CA GLY A 236 -2.97 17.69 -28.66
C GLY A 236 -3.08 18.30 -27.27
N TYR A 237 -4.30 18.66 -26.87
CA TYR A 237 -4.47 19.23 -25.55
C TYR A 237 -4.96 18.15 -24.61
N CYS A 238 -4.33 18.01 -23.45
CA CYS A 238 -4.75 16.98 -22.52
C CYS A 238 -6.08 17.36 -21.89
N LEU A 239 -6.89 16.35 -21.59
CA LEU A 239 -8.19 16.56 -20.98
C LEU A 239 -8.03 16.88 -19.51
N THR A 240 -8.95 17.69 -18.98
CA THR A 240 -8.92 18.07 -17.57
C THR A 240 -10.33 17.98 -17.00
N SER A 241 -10.44 17.50 -15.75
CA SER A 241 -11.73 17.35 -15.08
C SER A 241 -12.75 16.79 -16.05
N GLU A 242 -12.54 15.54 -16.48
CA GLU A 242 -13.45 14.96 -17.46
C GLU A 242 -13.43 13.42 -17.46
N TRP A 243 -14.60 12.83 -17.67
CA TRP A 243 -14.71 11.38 -17.74
C TRP A 243 -14.34 10.98 -19.16
N LEU A 244 -13.75 9.81 -19.30
CA LEU A 244 -13.37 9.31 -20.62
C LEU A 244 -13.51 7.81 -20.63
N LYS A 245 -14.33 7.28 -21.52
CA LYS A 245 -14.45 5.83 -21.57
C LYS A 245 -13.56 5.40 -22.72
N ASP A 246 -12.69 4.44 -22.44
CA ASP A 246 -11.75 3.96 -23.44
C ASP A 246 -11.63 2.46 -23.37
N ASN A 247 -11.97 1.79 -24.48
CA ASN A 247 -11.89 0.34 -24.56
C ASN A 247 -12.79 -0.33 -23.52
N GLU A 248 -14.03 0.16 -23.42
CA GLU A 248 -15.01 -0.38 -22.49
C GLU A 248 -14.71 -0.15 -20.99
N LYS A 249 -13.89 0.85 -20.69
CA LYS A 249 -13.57 1.18 -19.31
C LYS A 249 -13.63 2.68 -19.11
N TRP A 250 -14.04 3.12 -17.92
CA TRP A 250 -14.13 4.54 -17.64
C TRP A 250 -12.93 5.08 -16.85
N TYR A 251 -12.39 6.18 -17.33
CA TYR A 251 -11.27 6.81 -16.66
C TYR A 251 -11.65 8.26 -16.36
N TYR A 252 -10.94 8.86 -15.41
CA TYR A 252 -11.21 10.24 -15.07
C TYR A 252 -9.91 11.04 -15.06
N LEU A 253 -9.87 12.09 -15.87
CA LEU A 253 -8.70 12.95 -15.93
C LEU A 253 -8.98 14.11 -15.00
N LYS A 254 -8.17 14.24 -13.96
CA LYS A 254 -8.33 15.28 -12.95
C LYS A 254 -8.08 16.68 -13.49
N ASP A 255 -8.32 17.69 -12.64
CA ASP A 255 -8.15 19.08 -13.04
C ASP A 255 -6.77 19.40 -13.60
N ASN A 256 -5.77 18.60 -13.24
CA ASN A 256 -4.42 18.81 -13.74
C ASN A 256 -4.08 17.84 -14.87
N GLY A 257 -5.11 17.25 -15.48
CA GLY A 257 -4.91 16.32 -16.56
C GLY A 257 -4.43 14.95 -16.14
N ALA A 258 -3.91 14.84 -14.92
CA ALA A 258 -3.41 13.58 -14.40
C ALA A 258 -4.53 12.54 -14.30
N MET A 259 -4.27 11.35 -14.83
CA MET A 259 -5.27 10.27 -14.79
C MET A 259 -5.50 9.93 -13.33
N ALA A 260 -6.77 9.79 -12.95
CA ALA A 260 -7.11 9.46 -11.57
C ALA A 260 -6.86 7.98 -11.27
N THR A 261 -6.34 7.73 -10.08
CA THR A 261 -6.08 6.38 -9.61
C THR A 261 -6.45 6.39 -8.12
N GLY A 262 -7.15 5.35 -7.67
CA GLY A 262 -7.56 5.33 -6.27
C GLY A 262 -8.84 6.14 -6.15
N TRP A 263 -9.14 6.64 -4.96
CA TRP A 263 -10.35 7.43 -4.77
C TRP A 263 -10.21 8.80 -5.38
N VAL A 264 -11.31 9.30 -5.94
CA VAL A 264 -11.32 10.62 -6.56
C VAL A 264 -12.70 11.24 -6.40
N LEU A 265 -12.73 12.50 -5.97
CA LEU A 265 -13.98 13.20 -5.80
C LEU A 265 -14.34 13.94 -7.08
N VAL A 266 -15.44 13.53 -7.71
CA VAL A 266 -15.90 14.19 -8.92
C VAL A 266 -17.15 14.95 -8.53
N GLY A 267 -17.02 16.27 -8.45
CA GLY A 267 -18.16 17.08 -8.03
C GLY A 267 -18.25 16.81 -6.54
N SER A 268 -19.35 16.21 -6.11
CA SER A 268 -19.54 15.86 -4.72
C SER A 268 -19.73 14.36 -4.59
N GLU A 269 -19.30 13.61 -5.61
CA GLU A 269 -19.41 12.16 -5.62
C GLU A 269 -18.05 11.48 -5.63
N TRP A 270 -17.92 10.40 -4.85
CA TRP A 270 -16.68 9.64 -4.77
C TRP A 270 -16.66 8.44 -5.69
N TYR A 271 -15.59 8.31 -6.47
CA TYR A 271 -15.42 7.17 -7.35
C TYR A 271 -14.06 6.55 -7.08
N TYR A 272 -13.92 5.26 -7.34
CA TYR A 272 -12.66 4.57 -7.10
C TYR A 272 -12.11 3.97 -8.39
N MET A 273 -10.89 4.36 -8.73
CA MET A 273 -10.25 3.87 -9.95
C MET A 273 -9.16 2.89 -9.54
N ASP A 274 -8.97 1.82 -10.31
CA ASP A 274 -7.90 0.89 -9.97
C ASP A 274 -6.56 1.50 -10.35
N ASP A 275 -5.47 0.79 -10.10
CA ASP A 275 -4.14 1.31 -10.41
C ASP A 275 -3.92 1.56 -11.89
N SER A 276 -4.85 1.08 -12.72
CA SER A 276 -4.76 1.26 -14.15
C SER A 276 -5.61 2.44 -14.59
N GLY A 277 -6.24 3.10 -13.63
CA GLY A 277 -7.09 4.23 -13.94
C GLY A 277 -8.52 3.84 -14.27
N ALA A 278 -8.78 2.55 -14.42
CA ALA A 278 -10.13 2.08 -14.75
C ALA A 278 -11.06 2.07 -13.55
N MET A 279 -12.25 2.64 -13.72
CA MET A 279 -13.25 2.72 -12.66
C MET A 279 -13.65 1.33 -12.15
N VAL A 280 -13.88 1.25 -10.84
CA VAL A 280 -14.31 0.02 -10.21
C VAL A 280 -15.79 0.20 -9.82
N THR A 281 -16.64 -0.72 -10.28
CA THR A 281 -18.05 -0.66 -9.98
C THR A 281 -18.42 -1.54 -8.78
N GLY A 282 -19.62 -1.33 -8.25
CA GLY A 282 -20.06 -2.13 -7.12
C GLY A 282 -19.66 -1.54 -5.77
N TRP A 283 -19.62 -2.39 -4.75
CA TRP A 283 -19.27 -1.97 -3.41
C TRP A 283 -17.76 -1.83 -3.20
N VAL A 284 -17.34 -0.67 -2.72
CA VAL A 284 -15.94 -0.42 -2.40
C VAL A 284 -15.97 0.37 -1.10
N LYS A 285 -15.27 -0.13 -0.09
CA LYS A 285 -15.23 0.55 1.20
C LYS A 285 -13.99 1.44 1.27
N TYR A 286 -14.20 2.66 1.73
CA TYR A 286 -13.14 3.65 1.85
C TYR A 286 -13.02 3.90 3.35
N LYS A 287 -12.06 3.24 3.98
CA LYS A 287 -11.86 3.35 5.42
C LYS A 287 -13.13 2.82 6.11
N ASN A 288 -13.87 3.67 6.80
CA ASN A 288 -15.09 3.21 7.48
C ASN A 288 -16.36 3.32 6.65
N ASN A 289 -16.32 4.06 5.56
CA ASN A 289 -17.51 4.28 4.75
C ASN A 289 -17.63 3.44 3.49
N TRP A 290 -18.85 3.03 3.18
CA TRP A 290 -19.15 2.20 2.01
C TRP A 290 -19.76 2.95 0.84
N TYR A 291 -19.37 2.55 -0.37
CA TYR A 291 -19.88 3.16 -1.58
C TYR A 291 -20.29 2.11 -2.62
N TYR A 292 -21.48 2.27 -3.19
CA TYR A 292 -21.91 1.37 -4.24
C TYR A 292 -21.92 2.26 -5.48
N MET A 293 -21.03 1.97 -6.42
CA MET A 293 -20.89 2.81 -7.60
C MET A 293 -21.16 2.09 -8.91
N THR A 294 -21.82 2.79 -9.83
CA THR A 294 -22.16 2.24 -11.14
C THR A 294 -21.95 3.26 -12.26
N ASN A 295 -21.83 2.76 -13.49
CA ASN A 295 -21.63 3.62 -14.65
C ASN A 295 -22.43 3.10 -15.85
N GLU A 296 -23.57 2.48 -15.55
CA GLU A 296 -24.46 1.93 -16.56
C GLU A 296 -24.81 2.97 -17.64
N ARG A 297 -24.53 2.63 -18.89
CA ARG A 297 -24.81 3.51 -20.03
C ARG A 297 -24.19 4.90 -19.85
N GLY A 298 -23.08 4.97 -19.13
CA GLY A 298 -22.43 6.24 -18.93
C GLY A 298 -23.05 7.09 -17.83
N ASN A 299 -24.06 6.56 -17.16
CA ASN A 299 -24.69 7.30 -16.06
C ASN A 299 -23.88 6.99 -14.81
N MET A 300 -23.00 7.91 -14.42
CA MET A 300 -22.14 7.71 -13.27
C MET A 300 -22.91 7.95 -11.98
N VAL A 301 -22.92 6.94 -11.11
CA VAL A 301 -23.63 7.05 -9.84
C VAL A 301 -22.75 6.58 -8.69
N SER A 302 -22.78 7.32 -7.59
CA SER A 302 -22.04 6.96 -6.40
C SER A 302 -22.97 7.04 -5.20
N ASN A 303 -23.37 5.88 -4.70
CA ASN A 303 -24.27 5.78 -3.56
C ASN A 303 -23.42 5.69 -2.30
N GLU A 304 -23.52 6.72 -1.46
CA GLU A 304 -22.72 6.83 -0.26
C GLU A 304 -23.40 6.45 1.05
N PHE A 305 -22.70 5.64 1.84
CA PHE A 305 -23.19 5.20 3.14
C PHE A 305 -22.13 5.49 4.18
N ILE A 306 -22.43 6.45 5.05
CA ILE A 306 -21.50 6.87 6.09
C ILE A 306 -21.72 6.09 7.38
N LYS A 307 -20.64 5.56 7.93
CA LYS A 307 -20.71 4.79 9.16
C LYS A 307 -20.91 5.68 10.38
N SER A 308 -21.75 5.22 11.30
CA SER A 308 -22.01 5.94 12.53
C SER A 308 -22.47 4.90 13.55
N GLY A 309 -21.63 4.67 14.55
CA GLY A 309 -21.98 3.67 15.53
C GLY A 309 -21.85 2.31 14.86
N LYS A 310 -22.82 1.44 15.06
CA LYS A 310 -22.78 0.11 14.46
C LYS A 310 -23.57 0.06 13.15
N GLY A 311 -23.92 1.22 12.61
CA GLY A 311 -24.67 1.25 11.38
C GLY A 311 -24.10 2.14 10.28
N TRP A 312 -24.55 1.89 9.06
CA TRP A 312 -24.13 2.68 7.90
C TRP A 312 -25.37 3.39 7.39
N TYR A 313 -25.26 4.71 7.21
CA TYR A 313 -26.39 5.53 6.77
C TYR A 313 -26.26 6.09 5.37
N PHE A 314 -27.33 5.93 4.59
CA PHE A 314 -27.35 6.43 3.24
C PHE A 314 -27.36 7.95 3.27
N MET A 315 -26.60 8.57 2.39
CA MET A 315 -26.58 10.02 2.31
C MET A 315 -27.01 10.49 0.93
N ASN A 316 -28.17 11.11 0.85
CA ASN A 316 -28.66 11.62 -0.43
C ASN A 316 -27.66 12.68 -0.88
N THR A 317 -27.32 12.69 -2.16
CA THR A 317 -26.34 13.65 -2.69
C THR A 317 -26.62 15.11 -2.30
N ASN A 318 -27.73 15.34 -1.62
CA ASN A 318 -28.07 16.67 -1.12
C ASN A 318 -27.78 16.65 0.37
N GLY A 319 -26.58 16.16 0.69
CA GLY A 319 -26.09 16.07 2.05
C GLY A 319 -27.07 15.90 3.20
N GLU A 320 -27.78 14.78 3.24
CA GLU A 320 -28.71 14.52 4.33
C GLU A 320 -28.80 13.03 4.64
N LEU A 321 -28.36 12.65 5.83
CA LEU A 321 -28.39 11.25 6.24
C LEU A 321 -29.77 10.84 6.73
N ALA A 322 -30.09 9.57 6.50
CA ALA A 322 -31.37 9.02 6.94
C ALA A 322 -31.32 8.99 8.46
N ASP A 323 -32.49 8.93 9.10
CA ASP A 323 -32.55 8.89 10.55
C ASP A 323 -32.09 7.55 11.11
N ASN A 324 -32.32 6.49 10.34
CA ASN A 324 -31.94 5.15 10.76
C ASN A 324 -30.96 4.52 9.78
N PRO A 325 -30.11 3.61 10.26
CA PRO A 325 -29.13 2.95 9.39
C PRO A 325 -29.78 2.11 8.31
N SER A 326 -29.18 2.13 7.12
CA SER A 326 -29.67 1.36 5.99
C SER A 326 -29.22 -0.09 6.18
N PHE A 327 -28.05 -0.27 6.77
CA PHE A 327 -27.54 -1.61 7.03
C PHE A 327 -26.55 -1.66 8.19
N THR A 328 -26.51 -2.82 8.84
CA THR A 328 -25.61 -3.06 9.97
C THR A 328 -24.67 -4.21 9.62
N LYS A 329 -25.01 -4.95 8.58
CA LYS A 329 -24.19 -6.07 8.13
C LYS A 329 -23.52 -5.59 6.84
N GLU A 330 -22.21 -5.39 6.89
CA GLU A 330 -21.45 -4.91 5.74
C GLU A 330 -21.50 -5.83 4.52
N PRO A 331 -21.56 -5.26 3.31
CA PRO A 331 -21.60 -6.05 2.08
C PRO A 331 -20.20 -6.60 1.85
N ASP A 332 -20.08 -7.68 1.07
CA ASP A 332 -18.76 -8.27 0.82
C ASP A 332 -18.11 -7.64 -0.41
N GLY A 333 -17.78 -6.36 -0.32
CA GLY A 333 -17.16 -5.68 -1.45
C GLY A 333 -15.66 -5.52 -1.27
N LEU A 334 -15.09 -4.63 -2.08
CA LEU A 334 -13.67 -4.34 -2.05
C LEU A 334 -13.35 -3.42 -0.89
N ILE A 335 -12.40 -3.83 -0.05
CA ILE A 335 -11.99 -3.05 1.10
C ILE A 335 -10.75 -2.25 0.78
N THR A 336 -10.81 -0.93 0.94
CA THR A 336 -9.64 -0.08 0.69
C THR A 336 -9.40 0.70 1.98
N VAL A 337 -8.14 1.07 2.23
CA VAL A 337 -7.80 1.79 3.45
C VAL A 337 -7.07 3.11 3.20
N ALA A 338 -6.91 3.46 1.93
CA ALA A 338 -6.23 4.69 1.54
C ALA A 338 -6.69 5.12 0.16
#